data_3G32
#
_entry.id   3G32
#
_cell.length_a   45.110
_cell.length_b   107.098
_cell.length_c   47.477
_cell.angle_alpha   90.000
_cell.angle_beta   101.660
_cell.angle_gamma   90.000
#
_symmetry.space_group_name_H-M   'P 1 21 1'
#
loop_
_entity.id
_entity.type
_entity.pdbx_description
1 polymer 'Beta-lactamase CTX-M-9a'
2 non-polymer 2-[2-(1H-tetrazol-5-yl)ethyl]-1H-isoindole-1,3(2H)-dione
3 non-polymer 'DIMETHYL SULFOXIDE'
4 non-polymer 'PHOSPHATE ION'
5 water water
#
_entity_poly.entity_id   1
_entity_poly.type   'polypeptide(L)'
_entity_poly.pdbx_seq_one_letter_code
;QTSAVQQKLAALEKSSGGRLGVALIDTADNTQVLYRGDERFPMCSTSKVMAAAAVLKQSETQKQLLNQPVEIKPADLVNY
NPIAEKHVNGTMTLAELSAAALQYSDNTAMNKLIAQLGGPGGVTAFARAIGDETFRLDRTEPTLNTAIPGDPRDTTTPRA
MAQTLRQLTLGHALGETQRAQLVTWLKGNTTGAASIRAGLPTSWTAGDKTGSGDYGTTNDIAVIWPQGRAPLVLVTYFTQ
PQQNAESRRDVLASAARIIAEGL
;
_entity_poly.pdbx_strand_id   A,B
#
loop_
_chem_comp.id
_chem_comp.type
_chem_comp.name
_chem_comp.formula
3G3 non-polymer 2-[2-(1H-tetrazol-5-yl)ethyl]-1H-isoindole-1,3(2H)-dione 'C11 H9 N5 O2'
DMS non-polymer 'DIMETHYL SULFOXIDE' 'C2 H6 O S'
PO4 non-polymer 'PHOSPHATE ION' 'O4 P -3'
#
# COMPACT_ATOMS: atom_id res chain seq x y z
N THR A 2 1.89 -4.47 -1.04
CA THR A 2 1.24 -4.25 0.28
C THR A 2 1.79 -2.99 0.96
N SER A 3 0.88 -2.12 1.40
CA SER A 3 1.24 -0.86 2.05
C SER A 3 1.26 -0.99 3.58
N ALA A 4 1.81 0.04 4.23
CA ALA A 4 1.83 0.10 5.71
C ALA A 4 0.41 0.15 6.26
N VAL A 5 -0.45 0.93 5.62
CA VAL A 5 -1.86 1.00 6.01
C VAL A 5 -2.52 -0.37 5.86
N GLN A 6 -2.25 -1.07 4.75
CA GLN A 6 -2.77 -2.43 4.56
C GLN A 6 -2.29 -3.40 5.63
N GLN A 7 -1.05 -3.25 6.07
CA GLN A 7 -0.50 -4.10 7.12
C GLN A 7 -1.10 -3.81 8.49
N LYS A 8 -1.37 -2.54 8.76
CA LYS A 8 -2.09 -2.16 9.99
C LYS A 8 -3.53 -2.71 9.98
N LEU A 9 -4.19 -2.62 8.82
CA LEU A 9 -5.53 -3.19 8.67
C LEU A 9 -5.51 -4.71 8.82
N ALA A 10 -4.48 -5.36 8.31
CA ALA A 10 -4.32 -6.81 8.48
C ALA A 10 -4.17 -7.20 9.95
N ALA A 11 -3.42 -6.42 10.71
CA ALA A 11 -3.22 -6.68 12.14
C ALA A 11 -4.52 -6.47 12.91
N LEU A 12 -5.27 -5.43 12.55
CA LEU A 12 -6.59 -5.22 13.14
C LEU A 12 -7.49 -6.41 12.87
N GLU A 13 -7.54 -6.84 11.61
CA GLU A 13 -8.34 -7.99 11.23
C GLU A 13 -7.97 -9.24 12.03
N LYS A 14 -6.67 -9.50 12.14
CA LYS A 14 -6.20 -10.68 12.84
C LYS A 14 -6.66 -10.71 14.29
N SER A 15 -6.60 -9.55 14.96
CA SER A 15 -7.04 -9.43 16.35
C SER A 15 -8.56 -9.46 16.52
N SER A 16 -9.29 -9.21 15.44
CA SER A 16 -10.75 -9.08 15.48
C SER A 16 -11.46 -10.43 15.45
N GLY A 17 -10.78 -11.43 14.89
CA GLY A 17 -11.35 -12.77 14.69
C GLY A 17 -12.18 -12.93 13.43
N GLY A 18 -12.50 -11.81 12.77
CA GLY A 18 -13.38 -11.82 11.60
C GLY A 18 -12.68 -11.45 10.31
N ARG A 19 -13.48 -11.04 9.33
CA ARG A 19 -13.00 -10.66 8.00
C ARG A 19 -13.38 -9.22 7.75
N LEU A 20 -12.38 -8.41 7.41
CA LEU A 20 -12.51 -6.96 7.26
C LEU A 20 -12.30 -6.56 5.80
N GLY A 21 -13.17 -5.68 5.31
CA GLY A 21 -13.03 -5.09 3.98
C GLY A 21 -13.07 -3.59 4.06
N VAL A 22 -12.12 -2.93 3.40
CA VAL A 22 -12.00 -1.47 3.46
C VAL A 22 -11.74 -0.94 2.07
N ALA A 23 -12.42 0.16 1.73
CA ALA A 23 -12.06 0.93 0.55
C ALA A 23 -12.15 2.40 0.86
N LEU A 24 -11.06 3.11 0.60
CA LEU A 24 -10.99 4.55 0.71
C LEU A 24 -10.78 5.15 -0.67
N ILE A 25 -11.54 6.19 -0.99
CA ILE A 25 -11.17 7.07 -2.11
C ILE A 25 -10.89 8.45 -1.53
N ASP A 26 -9.70 8.96 -1.77
CA ASP A 26 -9.34 10.30 -1.36
C ASP A 26 -9.52 11.17 -2.60
N THR A 27 -10.53 12.04 -2.60
CA THR A 27 -10.79 12.87 -3.77
C THR A 27 -9.77 14.01 -3.98
N ALA A 28 -8.83 14.17 -3.04
CA ALA A 28 -7.72 15.11 -3.23
C ALA A 28 -6.85 14.73 -4.42
N ASP A 29 -6.70 13.43 -4.65
CA ASP A 29 -5.86 12.90 -5.72
C ASP A 29 -6.47 11.69 -6.44
N ASN A 30 -7.68 11.30 -6.01
CA ASN A 30 -8.41 10.14 -6.54
C ASN A 30 -7.73 8.78 -6.32
N THR A 31 -6.76 8.77 -5.39
CA THR A 31 -6.10 7.53 -5.00
C THR A 31 -6.97 6.72 -4.07
N GLN A 32 -6.63 5.44 -3.97
CA GLN A 32 -7.44 4.47 -3.24
C GLN A 32 -6.60 3.63 -2.31
N VAL A 33 -7.16 3.32 -1.16
CA VAL A 33 -6.59 2.32 -0.27
C VAL A 33 -7.62 1.21 -0.18
N LEU A 34 -7.20 -0.01 -0.51
CA LEU A 34 -8.09 -1.16 -0.49
C LEU A 34 -7.55 -2.23 0.43
N TYR A 35 -8.45 -2.86 1.17
CA TYR A 35 -8.13 -4.06 1.94
C TYR A 35 -9.26 -5.04 1.69
N ARG A 36 -8.94 -6.18 1.09
CA ARG A 36 -9.97 -7.12 0.59
C ARG A 36 -10.99 -6.35 -0.25
N GLY A 37 -10.49 -5.42 -1.06
CA GLY A 37 -11.35 -4.52 -1.81
C GLY A 37 -12.23 -5.16 -2.86
N ASP A 38 -11.85 -6.36 -3.31
CA ASP A 38 -12.59 -7.09 -4.33
C ASP A 38 -13.24 -8.37 -3.82
N GLU A 39 -13.29 -8.51 -2.50
CA GLU A 39 -14.04 -9.61 -1.89
C GLU A 39 -15.46 -9.17 -1.59
N ARG A 40 -16.41 -10.09 -1.71
CA ARG A 40 -17.80 -9.80 -1.41
C ARG A 40 -18.10 -9.86 0.08
N PHE A 41 -18.96 -8.93 0.50
CA PHE A 41 -19.44 -8.84 1.87
C PHE A 41 -20.94 -8.60 1.82
N PRO A 42 -21.69 -9.09 2.83
CA PRO A 42 -23.10 -8.78 2.92
C PRO A 42 -23.28 -7.29 3.25
N MET A 43 -24.09 -6.60 2.48
CA MET A 43 -24.28 -5.16 2.65
C MET A 43 -25.11 -4.77 3.86
N CYS A 44 -26.09 -5.63 4.19
CA CYS A 44 -27.08 -5.31 5.21
C CYS A 44 -27.65 -3.92 4.92
N SER A 45 -27.87 -3.09 5.94
CA SER A 45 -28.56 -1.82 5.73
C SER A 45 -27.77 -0.78 4.93
N THR A 46 -26.49 -1.03 4.63
CA THR A 46 -25.80 -0.09 3.76
C THR A 46 -26.43 -0.04 2.36
N SER A 47 -27.17 -1.10 2.01
CA SER A 47 -27.90 -1.13 0.74
C SER A 47 -29.02 -0.08 0.65
N LYS A 48 -29.44 0.47 1.80
CA LYS A 48 -30.49 1.51 1.83
CA LYS A 48 -30.49 1.49 1.81
C LYS A 48 -30.07 2.75 1.05
N VAL A 49 -28.76 3.01 1.00
CA VAL A 49 -28.28 4.15 0.21
C VAL A 49 -28.61 3.99 -1.28
N MET A 50 -28.39 2.80 -1.83
CA MET A 50 -28.70 2.55 -3.22
C MET A 50 -30.20 2.69 -3.50
N ALA A 51 -31.03 2.18 -2.60
CA ALA A 51 -32.48 2.28 -2.77
C ALA A 51 -32.98 3.73 -2.69
N ALA A 52 -32.52 4.48 -1.69
CA ALA A 52 -32.90 5.89 -1.57
C ALA A 52 -32.43 6.68 -2.77
N ALA A 53 -31.21 6.42 -3.24
CA ALA A 53 -30.68 7.11 -4.41
C ALA A 53 -31.50 6.80 -5.66
N ALA A 54 -31.97 5.57 -5.77
CA ALA A 54 -32.75 5.16 -6.93
C ALA A 54 -34.07 5.91 -6.99
N VAL A 55 -34.68 6.12 -5.82
CA VAL A 55 -35.92 6.88 -5.72
C VAL A 55 -35.64 8.37 -5.99
N LEU A 56 -34.53 8.90 -5.48
CA LEU A 56 -34.12 10.25 -5.87
C LEU A 56 -33.98 10.39 -7.38
N LYS A 57 -33.37 9.42 -8.04
CA LYS A 57 -33.24 9.46 -9.49
C LYS A 57 -34.63 9.51 -10.15
N GLN A 58 -35.56 8.67 -9.69
CA GLN A 58 -36.93 8.71 -10.21
C GLN A 58 -37.55 10.10 -10.05
N SER A 59 -37.24 10.77 -8.93
CA SER A 59 -37.82 12.07 -8.65
C SER A 59 -37.33 13.17 -9.61
N GLU A 60 -36.25 12.90 -10.33
CA GLU A 60 -35.74 13.87 -11.30
C GLU A 60 -36.71 14.10 -12.45
N THR A 61 -37.54 13.11 -12.73
CA THR A 61 -38.53 13.23 -13.80
C THR A 61 -39.97 13.28 -13.26
N GLN A 62 -40.08 13.25 -11.94
CA GLN A 62 -41.35 13.44 -11.22
C GLN A 62 -41.11 14.35 -10.02
N LYS A 63 -41.29 15.66 -10.24
CA LYS A 63 -41.04 16.69 -9.23
CA LYS A 63 -40.99 16.66 -9.22
C LYS A 63 -41.71 16.40 -7.88
N GLN A 64 -42.92 15.86 -7.93
CA GLN A 64 -43.70 15.62 -6.73
C GLN A 64 -43.56 14.22 -6.12
N LEU A 65 -42.66 13.40 -6.67
CA LEU A 65 -42.57 12.00 -6.25
C LEU A 65 -42.31 11.84 -4.76
N LEU A 66 -41.41 12.66 -4.20
CA LEU A 66 -41.06 12.53 -2.79
C LEU A 66 -42.24 12.85 -1.86
N ASN A 67 -43.27 13.50 -2.40
CA ASN A 67 -44.49 13.77 -1.63
C ASN A 67 -45.58 12.72 -1.79
N GLN A 68 -45.30 11.68 -2.57
N GLN A 68 -45.33 11.68 -2.58
CA GLN A 68 -46.26 10.60 -2.82
CA GLN A 68 -46.35 10.67 -2.84
C GLN A 68 -46.48 9.74 -1.57
C GLN A 68 -46.50 9.73 -1.65
N PRO A 69 -47.74 9.56 -1.16
CA PRO A 69 -48.00 8.75 0.02
C PRO A 69 -47.91 7.25 -0.25
N VAL A 70 -47.52 6.51 0.77
CA VAL A 70 -47.43 5.06 0.71
C VAL A 70 -48.10 4.55 1.97
N GLU A 71 -49.05 3.61 1.82
N GLU A 71 -49.04 3.61 1.81
CA GLU A 71 -49.77 3.05 2.96
CA GLU A 71 -49.76 2.99 2.91
C GLU A 71 -48.88 2.11 3.76
C GLU A 71 -48.83 2.13 3.77
N ILE A 72 -48.94 2.26 5.09
CA ILE A 72 -48.23 1.40 6.02
C ILE A 72 -49.28 0.60 6.78
N LYS A 73 -49.27 -0.72 6.57
CA LYS A 73 -50.23 -1.60 7.21
CA LYS A 73 -50.24 -1.62 7.20
C LYS A 73 -49.57 -2.40 8.32
N PRO A 74 -50.35 -2.87 9.32
CA PRO A 74 -49.75 -3.69 10.38
C PRO A 74 -48.94 -4.86 9.85
N ALA A 75 -49.43 -5.49 8.79
CA ALA A 75 -48.76 -6.65 8.18
C ALA A 75 -47.41 -6.28 7.56
N ASP A 76 -47.17 -5.00 7.32
CA ASP A 76 -45.93 -4.55 6.68
C ASP A 76 -44.75 -4.48 7.63
N LEU A 77 -45.03 -4.39 8.92
CA LEU A 77 -43.96 -4.22 9.91
C LEU A 77 -43.06 -5.43 9.94
N VAL A 78 -41.76 -5.18 9.90
CA VAL A 78 -40.76 -6.25 10.00
C VAL A 78 -40.05 -6.15 11.35
N ASN A 79 -38.73 -6.31 11.38
CA ASN A 79 -38.03 -6.54 12.64
C ASN A 79 -37.40 -5.30 13.28
N TYR A 80 -37.45 -4.17 12.61
CA TYR A 80 -36.86 -2.94 13.12
C TYR A 80 -37.50 -1.76 12.41
N ASN A 81 -38.47 -1.14 13.10
CA ASN A 81 -39.37 -0.18 12.48
C ASN A 81 -39.62 1.04 13.35
N PRO A 82 -38.55 1.71 13.81
CA PRO A 82 -38.71 2.79 14.78
C PRO A 82 -39.58 3.95 14.29
N ILE A 83 -39.61 4.18 12.98
CA ILE A 83 -40.42 5.25 12.43
C ILE A 83 -41.74 4.70 11.90
N ALA A 84 -41.68 3.64 11.09
CA ALA A 84 -42.90 3.10 10.47
C ALA A 84 -43.97 2.67 11.47
N GLU A 85 -43.58 2.18 12.64
CA GLU A 85 -44.57 1.75 13.63
C GLU A 85 -45.46 2.91 14.10
N LYS A 86 -44.96 4.14 14.00
CA LYS A 86 -45.74 5.33 14.35
C LYS A 86 -46.85 5.62 13.34
N HIS A 87 -46.73 5.06 12.14
CA HIS A 87 -47.60 5.42 11.01
C HIS A 87 -48.45 4.27 10.46
N VAL A 88 -48.50 3.16 11.20
CA VAL A 88 -49.31 2.03 10.79
CA VAL A 88 -49.31 2.01 10.85
C VAL A 88 -50.78 2.43 10.72
N ASN A 89 -51.47 1.90 9.70
CA ASN A 89 -52.84 2.29 9.36
C ASN A 89 -52.96 3.72 8.81
N GLY A 90 -51.82 4.32 8.51
CA GLY A 90 -51.74 5.61 7.84
C GLY A 90 -50.81 5.55 6.66
N THR A 91 -50.20 6.69 6.32
CA THR A 91 -49.28 6.75 5.19
C THR A 91 -48.01 7.49 5.57
N MET A 92 -46.94 7.22 4.82
CA MET A 92 -45.72 8.01 4.85
C MET A 92 -45.38 8.37 3.42
N THR A 93 -44.86 9.59 3.20
CA THR A 93 -44.40 9.95 1.88
C THR A 93 -43.08 9.25 1.54
N LEU A 94 -42.73 9.23 0.25
CA LEU A 94 -41.45 8.68 -0.15
C LEU A 94 -40.27 9.42 0.46
N ALA A 95 -40.39 10.73 0.67
CA ALA A 95 -39.35 11.46 1.40
C ALA A 95 -39.25 10.96 2.84
N GLU A 96 -40.39 10.80 3.50
CA GLU A 96 -40.40 10.33 4.89
C GLU A 96 -39.79 8.93 4.98
N LEU A 97 -40.11 8.09 4.01
CA LEU A 97 -39.56 6.72 3.98
C LEU A 97 -38.07 6.71 3.73
N SER A 98 -37.61 7.59 2.83
CA SER A 98 -36.18 7.69 2.55
C SER A 98 -35.42 8.17 3.77
N ALA A 99 -35.93 9.19 4.46
CA ALA A 99 -35.29 9.70 5.68
C ALA A 99 -35.30 8.64 6.77
N ALA A 100 -36.41 7.92 6.92
CA ALA A 100 -36.49 6.90 7.95
C ALA A 100 -35.50 5.76 7.69
N ALA A 101 -35.44 5.31 6.44
CA ALA A 101 -34.49 4.27 6.05
C ALA A 101 -33.05 4.71 6.31
N LEU A 102 -32.70 5.90 5.84
CA LEU A 102 -31.31 6.33 5.91
C LEU A 102 -30.89 6.75 7.31
N GLN A 103 -31.73 7.53 7.99
CA GLN A 103 -31.30 8.15 9.24
C GLN A 103 -31.60 7.33 10.48
N TYR A 104 -32.56 6.42 10.39
CA TYR A 104 -32.93 5.55 11.51
C TYR A 104 -32.75 4.07 11.18
N SER A 105 -32.38 3.75 9.94
CA SER A 105 -32.23 2.36 9.50
C SER A 105 -33.53 1.56 9.63
N ASP A 106 -34.65 2.21 9.36
CA ASP A 106 -35.97 1.57 9.42
C ASP A 106 -36.14 0.55 8.28
N ASN A 107 -36.36 -0.70 8.66
CA ASN A 107 -36.43 -1.80 7.69
C ASN A 107 -37.74 -1.85 6.91
N THR A 108 -38.84 -1.44 7.56
CA THR A 108 -40.12 -1.32 6.86
C THR A 108 -40.01 -0.23 5.79
N ALA A 109 -39.39 0.88 6.15
CA ALA A 109 -39.19 1.97 5.18
C ALA A 109 -38.41 1.49 3.97
N MET A 110 -37.34 0.73 4.21
CA MET A 110 -36.59 0.15 3.10
C MET A 110 -37.47 -0.72 2.20
N ASN A 111 -38.32 -1.55 2.79
CA ASN A 111 -39.19 -2.38 1.97
C ASN A 111 -40.10 -1.56 1.07
N LYS A 112 -40.55 -0.40 1.55
CA LYS A 112 -41.36 0.47 0.70
C LYS A 112 -40.55 1.10 -0.43
N LEU A 113 -39.30 1.45 -0.17
CA LEU A 113 -38.43 1.92 -1.24
C LEU A 113 -38.19 0.84 -2.29
N ILE A 114 -37.94 -0.38 -1.83
CA ILE A 114 -37.71 -1.50 -2.75
C ILE A 114 -38.96 -1.72 -3.62
N ALA A 115 -40.14 -1.68 -3.01
CA ALA A 115 -41.38 -1.86 -3.77
C ALA A 115 -41.57 -0.75 -4.81
N GLN A 116 -41.24 0.49 -4.45
CA GLN A 116 -41.32 1.62 -5.37
C GLN A 116 -40.40 1.45 -6.58
N LEU A 117 -39.37 0.63 -6.44
CA LEU A 117 -38.41 0.35 -7.51
C LEU A 117 -38.71 -0.96 -8.26
N GLY A 118 -39.79 -1.64 -7.87
CA GLY A 118 -40.21 -2.86 -8.55
C GLY A 118 -39.59 -4.13 -7.99
N GLY A 119 -39.07 -4.06 -6.78
CA GLY A 119 -38.47 -5.22 -6.13
C GLY A 119 -36.95 -5.10 -6.05
N PRO A 120 -36.30 -6.06 -5.37
CA PRO A 120 -34.85 -6.00 -5.20
C PRO A 120 -34.08 -5.81 -6.51
N GLY A 121 -34.52 -6.47 -7.57
CA GLY A 121 -33.89 -6.34 -8.88
C GLY A 121 -33.96 -4.94 -9.47
N GLY A 122 -34.96 -4.16 -9.08
CA GLY A 122 -35.04 -2.76 -9.50
C GLY A 122 -33.93 -1.92 -8.88
N VAL A 123 -33.54 -2.27 -7.65
CA VAL A 123 -32.45 -1.58 -7.00
C VAL A 123 -31.14 -1.93 -7.71
N THR A 124 -30.96 -3.22 -8.02
CA THR A 124 -29.80 -3.68 -8.77
C THR A 124 -29.73 -2.99 -10.15
N ALA A 125 -30.88 -2.85 -10.81
CA ALA A 125 -30.93 -2.19 -12.11
C ALA A 125 -30.42 -0.75 -12.04
N PHE A 126 -30.80 -0.03 -10.98
CA PHE A 126 -30.29 1.31 -10.79
C PHE A 126 -28.78 1.30 -10.59
N ALA A 127 -28.27 0.38 -9.79
CA ALA A 127 -26.82 0.24 -9.60
C ALA A 127 -26.12 0.10 -10.95
N ARG A 128 -26.62 -0.78 -11.81
CA ARG A 128 -26.02 -0.97 -13.12
C ARG A 128 -26.08 0.32 -13.96
N ALA A 129 -27.20 1.04 -13.87
CA ALA A 129 -27.39 2.27 -14.64
C ALA A 129 -26.37 3.36 -14.26
N ILE A 130 -25.87 3.30 -13.02
CA ILE A 130 -24.86 4.28 -12.59
C ILE A 130 -23.44 3.71 -12.62
N GLY A 131 -23.28 2.55 -13.25
CA GLY A 131 -21.95 1.99 -13.52
C GLY A 131 -21.42 1.00 -12.49
N ASP A 132 -22.27 0.58 -11.56
CA ASP A 132 -21.89 -0.39 -10.54
C ASP A 132 -22.30 -1.77 -11.04
N GLU A 133 -21.32 -2.56 -11.44
N GLU A 133 -21.31 -2.56 -11.44
CA GLU A 133 -21.55 -3.90 -11.99
CA GLU A 133 -21.51 -3.90 -11.98
C GLU A 133 -21.36 -4.99 -10.93
C GLU A 133 -21.54 -4.98 -10.89
N THR A 134 -21.23 -4.59 -9.67
CA THR A 134 -20.93 -5.52 -8.58
C THR A 134 -22.08 -5.71 -7.59
N PHE A 135 -22.68 -4.59 -7.18
CA PHE A 135 -23.83 -4.56 -6.28
C PHE A 135 -24.91 -5.53 -6.74
N ARG A 136 -25.46 -6.30 -5.81
CA ARG A 136 -26.68 -7.05 -6.10
C ARG A 136 -27.59 -7.05 -4.88
N LEU A 137 -28.85 -6.67 -5.08
CA LEU A 137 -29.87 -6.83 -4.07
C LEU A 137 -30.82 -7.90 -4.55
N ASP A 138 -30.98 -8.94 -3.73
CA ASP A 138 -31.75 -10.12 -4.09
C ASP A 138 -33.02 -10.30 -3.27
N ARG A 139 -33.03 -9.76 -2.05
CA ARG A 139 -34.12 -10.00 -1.11
C ARG A 139 -34.56 -8.71 -0.46
N THR A 140 -35.73 -8.75 0.16
CA THR A 140 -36.26 -7.65 0.96
C THR A 140 -35.78 -7.76 2.40
N GLU A 141 -36.18 -6.78 3.23
CA GLU A 141 -35.98 -6.88 4.67
C GLU A 141 -37.01 -7.83 5.29
N PRO A 142 -36.61 -8.62 6.30
CA PRO A 142 -35.30 -8.70 6.95
C PRO A 142 -34.34 -9.74 6.40
N THR A 143 -34.76 -10.55 5.43
CA THR A 143 -33.90 -11.68 5.04
C THR A 143 -32.63 -11.28 4.31
N LEU A 144 -32.58 -10.06 3.77
CA LEU A 144 -31.35 -9.60 3.14
C LEU A 144 -30.17 -9.50 4.14
N ASN A 145 -30.45 -9.64 5.43
CA ASN A 145 -29.43 -9.58 6.48
C ASN A 145 -28.93 -10.94 6.99
N THR A 146 -29.27 -12.02 6.31
CA THR A 146 -28.82 -13.34 6.77
C THR A 146 -27.30 -13.46 6.78
N ALA A 147 -26.64 -12.79 5.83
CA ALA A 147 -25.18 -12.62 5.86
C ALA A 147 -24.38 -13.93 5.94
N ILE A 148 -24.86 -14.96 5.28
CA ILE A 148 -24.25 -16.29 5.35
C ILE A 148 -22.92 -16.27 4.59
N PRO A 149 -21.82 -16.74 5.23
CA PRO A 149 -20.54 -16.76 4.51
C PRO A 149 -20.65 -17.49 3.18
N GLY A 150 -20.08 -16.89 2.14
CA GLY A 150 -20.07 -17.46 0.80
C GLY A 150 -21.30 -17.20 -0.04
N ASP A 151 -22.38 -16.73 0.59
CA ASP A 151 -23.64 -16.45 -0.10
C ASP A 151 -23.48 -15.15 -0.87
N PRO A 152 -23.67 -15.19 -2.21
CA PRO A 152 -23.54 -13.95 -2.98
C PRO A 152 -24.74 -13.00 -2.87
N ARG A 153 -25.86 -13.47 -2.33
CA ARG A 153 -27.06 -12.63 -2.27
C ARG A 153 -26.81 -11.39 -1.43
N ASP A 154 -27.27 -10.24 -1.93
CA ASP A 154 -27.27 -9.00 -1.13
C ASP A 154 -25.86 -8.61 -0.71
N THR A 155 -24.93 -8.73 -1.64
CA THR A 155 -23.52 -8.42 -1.40
C THR A 155 -23.01 -7.37 -2.37
N THR A 156 -21.87 -6.79 -1.99
CA THR A 156 -21.06 -6.02 -2.91
C THR A 156 -19.61 -6.10 -2.46
N THR A 157 -18.71 -5.42 -3.15
CA THR A 157 -17.32 -5.34 -2.70
C THR A 157 -17.05 -3.95 -2.15
N PRO A 158 -16.06 -3.81 -1.25
CA PRO A 158 -15.70 -2.48 -0.79
C PRO A 158 -15.33 -1.50 -1.93
N ARG A 159 -14.55 -1.97 -2.91
CA ARG A 159 -14.17 -1.12 -4.05
C ARG A 159 -15.40 -0.58 -4.76
N ALA A 160 -16.34 -1.46 -5.09
CA ALA A 160 -17.53 -1.03 -5.83
C ALA A 160 -18.40 -0.07 -5.04
N MET A 161 -18.58 -0.35 -3.75
CA MET A 161 -19.44 0.52 -2.95
C MET A 161 -18.82 1.90 -2.74
N ALA A 162 -17.51 1.97 -2.58
CA ALA A 162 -16.85 3.27 -2.44
C ALA A 162 -17.02 4.11 -3.71
N GLN A 163 -16.80 3.49 -4.86
N GLN A 163 -16.82 3.49 -4.88
CA GLN A 163 -16.96 4.16 -6.14
CA GLN A 163 -16.95 4.23 -6.13
C GLN A 163 -18.39 4.70 -6.28
C GLN A 163 -18.39 4.69 -6.36
N THR A 164 -19.36 3.85 -6.00
CA THR A 164 -20.77 4.21 -6.07
C THR A 164 -21.12 5.35 -5.12
N LEU A 165 -20.68 5.25 -3.88
CA LEU A 165 -21.00 6.31 -2.93
C LEU A 165 -20.39 7.64 -3.38
N ARG A 166 -19.18 7.59 -3.94
CA ARG A 166 -18.53 8.79 -4.47
CA ARG A 166 -18.54 8.80 -4.46
C ARG A 166 -19.37 9.41 -5.60
N GLN A 167 -19.78 8.59 -6.55
CA GLN A 167 -20.57 9.09 -7.69
C GLN A 167 -21.91 9.70 -7.24
N LEU A 168 -22.55 9.06 -6.26
CA LEU A 168 -23.83 9.53 -5.75
C LEU A 168 -23.75 10.81 -4.95
N THR A 169 -22.71 10.96 -4.12
CA THR A 169 -22.66 12.07 -3.17
C THR A 169 -21.78 13.22 -3.60
N LEU A 170 -20.76 12.92 -4.41
CA LEU A 170 -19.79 13.93 -4.82
C LEU A 170 -19.76 14.11 -6.34
N GLY A 171 -20.23 13.11 -7.07
CA GLY A 171 -20.21 13.14 -8.54
C GLY A 171 -21.56 13.46 -9.15
N HIS A 172 -21.76 12.97 -10.36
CA HIS A 172 -22.93 13.38 -11.16
C HIS A 172 -23.92 12.27 -11.47
N ALA A 173 -23.96 11.23 -10.64
CA ALA A 173 -24.92 10.15 -10.81
C ALA A 173 -26.35 10.64 -10.60
N LEU A 174 -26.51 11.63 -9.73
CA LEU A 174 -27.80 12.28 -9.47
C LEU A 174 -27.77 13.74 -9.92
N GLY A 175 -28.94 14.31 -10.15
CA GLY A 175 -29.03 15.76 -10.36
C GLY A 175 -28.57 16.49 -9.12
N GLU A 176 -28.23 17.77 -9.26
CA GLU A 176 -27.66 18.55 -8.15
C GLU A 176 -28.58 18.61 -6.92
N THR A 177 -29.86 18.87 -7.13
CA THR A 177 -30.83 18.93 -6.03
C THR A 177 -30.89 17.58 -5.30
N GLN A 178 -30.89 16.51 -6.07
CA GLN A 178 -30.99 15.16 -5.52
C GLN A 178 -29.72 14.75 -4.77
N ARG A 179 -28.57 15.09 -5.33
CA ARG A 179 -27.28 14.85 -4.67
C ARG A 179 -27.25 15.56 -3.31
N ALA A 180 -27.65 16.82 -3.31
CA ALA A 180 -27.67 17.61 -2.08
C ALA A 180 -28.63 17.01 -1.03
N GLN A 181 -29.77 16.51 -1.48
CA GLN A 181 -30.72 15.86 -0.58
C GLN A 181 -30.13 14.58 0.02
N LEU A 182 -29.46 13.78 -0.80
CA LEU A 182 -28.83 12.57 -0.30
C LEU A 182 -27.77 12.90 0.75
N VAL A 183 -26.94 13.90 0.47
CA VAL A 183 -25.92 14.33 1.43
C VAL A 183 -26.54 14.84 2.72
N THR A 184 -27.60 15.65 2.60
CA THR A 184 -28.33 16.13 3.77
C THR A 184 -28.82 14.97 4.63
N TRP A 185 -29.41 13.95 3.99
CA TRP A 185 -29.91 12.80 4.72
C TRP A 185 -28.77 12.06 5.43
N LEU A 186 -27.68 11.79 4.72
CA LEU A 186 -26.56 11.08 5.31
C LEU A 186 -25.94 11.83 6.48
N LYS A 187 -25.81 13.14 6.35
CA LYS A 187 -25.23 13.97 7.41
C LYS A 187 -26.12 14.02 8.65
N GLY A 188 -27.41 13.75 8.48
CA GLY A 188 -28.33 13.68 9.60
C GLY A 188 -28.54 12.29 10.17
N ASN A 189 -27.70 11.33 9.76
CA ASN A 189 -27.83 9.98 10.30
C ASN A 189 -27.76 9.96 11.83
N THR A 190 -28.61 9.14 12.46
CA THR A 190 -28.58 8.99 13.92
C THR A 190 -27.78 7.80 14.44
N THR A 191 -27.37 6.91 13.54
CA THR A 191 -26.88 5.60 13.98
C THR A 191 -25.36 5.42 13.95
N GLY A 192 -24.65 6.47 13.60
CA GLY A 192 -23.25 6.33 13.18
C GLY A 192 -22.12 6.69 14.13
N ALA A 193 -22.42 7.21 15.31
CA ALA A 193 -21.36 7.77 16.16
C ALA A 193 -20.33 6.76 16.68
N ALA A 194 -20.68 5.47 16.69
CA ALA A 194 -19.79 4.42 17.20
C ALA A 194 -18.99 3.71 16.10
N SER A 195 -19.24 4.04 14.85
CA SER A 195 -18.65 3.30 13.73
C SER A 195 -17.52 4.10 13.08
N ILE A 196 -17.52 4.30 11.76
CA ILE A 196 -16.41 5.03 11.12
C ILE A 196 -16.11 6.36 11.82
N ARG A 197 -17.16 7.09 12.15
CA ARG A 197 -16.96 8.44 12.66
C ARG A 197 -16.28 8.48 14.02
N ALA A 198 -16.39 7.39 14.80
CA ALA A 198 -15.69 7.29 16.08
C ALA A 198 -14.16 7.26 15.92
N GLY A 199 -13.69 6.89 14.74
CA GLY A 199 -12.25 6.83 14.47
C GLY A 199 -11.67 8.07 13.83
N LEU A 200 -12.50 9.07 13.56
CA LEU A 200 -12.07 10.28 12.87
C LEU A 200 -11.84 11.43 13.84
N PRO A 201 -10.90 12.34 13.50
CA PRO A 201 -10.76 13.55 14.31
C PRO A 201 -12.10 14.28 14.42
N THR A 202 -12.40 14.77 15.61
CA THR A 202 -13.72 15.32 15.92
C THR A 202 -14.06 16.57 15.11
N SER A 203 -13.02 17.28 14.66
CA SER A 203 -13.19 18.49 13.84
C SER A 203 -13.72 18.21 12.43
N TRP A 204 -13.56 16.96 11.98
CA TRP A 204 -14.05 16.56 10.66
C TRP A 204 -15.57 16.43 10.67
N THR A 205 -16.20 16.55 9.51
CA THR A 205 -17.64 16.29 9.41
C THR A 205 -17.85 15.11 8.46
N ALA A 206 -19.01 14.47 8.58
CA ALA A 206 -19.29 13.29 7.78
C ALA A 206 -20.77 12.98 7.71
N GLY A 207 -21.13 12.20 6.70
CA GLY A 207 -22.42 11.54 6.65
C GLY A 207 -22.14 10.06 6.48
N ASP A 208 -23.02 9.20 7.00
CA ASP A 208 -22.77 7.77 6.88
C ASP A 208 -24.05 6.97 6.91
N LYS A 209 -23.94 5.72 6.48
CA LYS A 209 -25.00 4.73 6.64
C LYS A 209 -24.42 3.44 7.19
N THR A 210 -24.92 3.02 8.35
CA THR A 210 -24.49 1.79 9.00
C THR A 210 -25.27 0.59 8.50
N GLY A 211 -24.78 -0.60 8.84
CA GLY A 211 -25.54 -1.82 8.62
C GLY A 211 -25.09 -2.88 9.59
N SER A 212 -25.97 -3.82 9.90
CA SER A 212 -25.62 -4.96 10.73
C SER A 212 -26.52 -6.13 10.37
N GLY A 213 -26.06 -7.34 10.67
CA GLY A 213 -26.82 -8.53 10.33
C GLY A 213 -26.31 -9.72 11.09
N ASP A 214 -26.76 -10.90 10.68
CA ASP A 214 -26.27 -12.14 11.29
C ASP A 214 -24.77 -12.28 11.00
N TYR A 215 -24.14 -13.28 11.62
CA TYR A 215 -22.70 -13.48 11.55
C TYR A 215 -21.93 -12.27 12.08
N GLY A 216 -22.54 -11.55 13.02
CA GLY A 216 -21.92 -10.39 13.63
C GLY A 216 -21.51 -9.37 12.58
N THR A 217 -22.25 -9.31 11.49
CA THR A 217 -21.90 -8.42 10.39
C THR A 217 -22.12 -6.98 10.83
N THR A 218 -21.08 -6.16 10.65
CA THR A 218 -21.09 -4.78 11.15
C THR A 218 -20.44 -3.92 10.08
N ASN A 219 -21.23 -3.00 9.50
CA ASN A 219 -20.83 -2.25 8.32
C ASN A 219 -21.05 -0.76 8.49
N ASP A 220 -20.33 0.03 7.69
CA ASP A 220 -20.55 1.46 7.63
C ASP A 220 -19.98 1.97 6.33
N ILE A 221 -20.69 2.90 5.71
CA ILE A 221 -20.18 3.61 4.53
C ILE A 221 -20.35 5.10 4.75
N ALA A 222 -19.31 5.88 4.45
CA ALA A 222 -19.27 7.28 4.84
C ALA A 222 -18.70 8.18 3.76
N VAL A 223 -19.22 9.40 3.71
CA VAL A 223 -18.59 10.50 2.98
C VAL A 223 -18.11 11.47 4.04
N ILE A 224 -16.85 11.88 3.92
CA ILE A 224 -16.14 12.57 5.00
C ILE A 224 -15.51 13.86 4.47
N TRP A 225 -15.70 14.95 5.21
CA TRP A 225 -15.06 16.23 4.91
C TRP A 225 -14.01 16.52 5.98
N PRO A 226 -12.75 16.16 5.73
CA PRO A 226 -11.72 16.45 6.72
C PRO A 226 -11.43 17.94 6.78
N GLN A 227 -10.90 18.40 7.92
CA GLN A 227 -10.50 19.79 8.05
CA GLN A 227 -10.49 19.79 8.07
C GLN A 227 -9.36 20.09 7.09
N GLY A 228 -9.57 21.08 6.22
CA GLY A 228 -8.56 21.53 5.26
C GLY A 228 -8.17 20.55 4.15
N ARG A 229 -9.04 19.58 3.89
CA ARG A 229 -8.80 18.55 2.87
CA ARG A 229 -8.80 18.55 2.87
C ARG A 229 -10.02 18.36 1.98
N ALA A 230 -9.79 17.89 0.75
CA ALA A 230 -10.88 17.46 -0.14
C ALA A 230 -11.59 16.25 0.49
N PRO A 231 -12.88 16.03 0.16
CA PRO A 231 -13.60 14.92 0.80
C PRO A 231 -13.06 13.51 0.53
N LEU A 232 -13.36 12.61 1.45
CA LEU A 232 -13.03 11.20 1.33
C LEU A 232 -14.32 10.40 1.26
N VAL A 233 -14.22 9.22 0.65
CA VAL A 233 -15.28 8.23 0.74
C VAL A 233 -14.64 7.00 1.37
N LEU A 234 -15.29 6.44 2.39
CA LEU A 234 -14.75 5.30 3.11
C LEU A 234 -15.81 4.24 3.35
N VAL A 235 -15.50 3.01 2.97
CA VAL A 235 -16.35 1.85 3.23
C VAL A 235 -15.60 0.90 4.15
N THR A 236 -16.28 0.47 5.21
CA THR A 236 -15.74 -0.53 6.13
C THR A 236 -16.78 -1.61 6.35
N TYR A 237 -16.46 -2.82 5.90
CA TYR A 237 -17.33 -3.97 6.05
C TYR A 237 -16.66 -5.00 6.94
N PHE A 238 -17.43 -5.67 7.78
CA PHE A 238 -16.87 -6.63 8.74
C PHE A 238 -17.86 -7.75 8.99
N THR A 239 -17.37 -8.99 8.97
CA THR A 239 -18.23 -10.14 9.20
C THR A 239 -17.45 -11.25 9.89
N GLN A 240 -18.16 -12.09 10.63
CA GLN A 240 -17.55 -13.03 11.56
C GLN A 240 -18.01 -14.47 11.27
N PRO A 241 -17.26 -15.48 11.75
CA PRO A 241 -17.57 -16.85 11.36
C PRO A 241 -18.81 -17.52 11.97
N GLN A 242 -19.30 -17.02 13.11
CA GLN A 242 -20.43 -17.66 13.81
C GLN A 242 -21.71 -16.84 13.66
N GLN A 243 -22.82 -17.53 13.43
CA GLN A 243 -24.09 -16.87 13.13
C GLN A 243 -24.53 -15.88 14.19
N ASN A 244 -24.29 -16.21 15.46
CA ASN A 244 -24.75 -15.36 16.56
CA ASN A 244 -24.74 -15.38 16.58
C ASN A 244 -23.68 -14.42 17.13
N ALA A 245 -22.64 -14.15 16.33
CA ALA A 245 -21.57 -13.26 16.78
C ALA A 245 -22.11 -11.87 17.11
N GLU A 246 -21.45 -11.22 18.07
CA GLU A 246 -21.77 -9.86 18.51
C GLU A 246 -21.35 -8.83 17.47
N SER A 247 -22.05 -7.70 17.43
CA SER A 247 -21.62 -6.55 16.61
C SER A 247 -20.28 -5.99 17.08
N ARG A 248 -19.49 -5.49 16.13
CA ARG A 248 -18.18 -4.93 16.46
C ARG A 248 -17.98 -3.59 15.79
N ARG A 249 -18.78 -2.59 16.19
CA ARG A 249 -18.64 -1.25 15.61
C ARG A 249 -17.27 -0.67 15.91
N ASP A 250 -16.67 -1.08 17.04
CA ASP A 250 -15.33 -0.63 17.40
C ASP A 250 -14.28 -1.01 16.35
N VAL A 251 -14.46 -2.14 15.67
CA VAL A 251 -13.54 -2.55 14.61
C VAL A 251 -13.58 -1.58 13.43
N LEU A 252 -14.79 -1.09 13.12
CA LEU A 252 -14.94 -0.11 12.06
C LEU A 252 -14.29 1.21 12.45
N ALA A 253 -14.50 1.63 13.70
CA ALA A 253 -13.84 2.82 14.22
C ALA A 253 -12.31 2.69 14.14
N SER A 254 -11.78 1.52 14.51
CA SER A 254 -10.34 1.28 14.42
C SER A 254 -9.83 1.35 12.98
N ALA A 255 -10.58 0.78 12.04
CA ALA A 255 -10.20 0.84 10.63
C ALA A 255 -10.15 2.29 10.15
N ALA A 256 -11.16 3.07 10.54
CA ALA A 256 -11.22 4.47 10.14
C ALA A 256 -10.05 5.27 10.73
N ARG A 257 -9.68 4.97 11.96
CA ARG A 257 -8.57 5.67 12.59
CA ARG A 257 -8.56 5.63 12.63
C ARG A 257 -7.25 5.37 11.88
N ILE A 258 -7.04 4.10 11.51
CA ILE A 258 -5.86 3.70 10.73
C ILE A 258 -5.81 4.48 9.41
N ILE A 259 -6.95 4.56 8.73
CA ILE A 259 -7.04 5.29 7.46
C ILE A 259 -6.72 6.77 7.64
N ALA A 260 -7.29 7.37 8.69
CA ALA A 260 -7.12 8.81 8.96
C ALA A 260 -5.68 9.14 9.33
N GLU A 261 -5.05 8.27 10.11
CA GLU A 261 -3.66 8.46 10.52
C GLU A 261 -2.68 8.24 9.37
N GLY A 262 -3.15 7.58 8.31
CA GLY A 262 -2.32 7.27 7.15
C GLY A 262 -2.35 8.32 6.06
N LEU A 263 -3.25 9.30 6.20
CA LEU A 263 -3.35 10.39 5.22
C LEU A 263 -2.21 11.39 5.44
N THR B 2 30.07 18.10 -29.19
CA THR B 2 30.11 17.90 -27.72
C THR B 2 28.70 17.91 -27.15
N SER B 3 28.40 16.94 -26.29
CA SER B 3 27.10 16.85 -25.62
C SER B 3 27.23 16.97 -24.11
N ALA B 4 26.26 17.64 -23.50
CA ALA B 4 26.16 17.72 -22.05
C ALA B 4 25.79 16.35 -21.48
N VAL B 5 26.25 16.08 -20.26
CA VAL B 5 26.03 14.80 -19.60
C VAL B 5 24.53 14.47 -19.48
N GLN B 6 23.73 15.48 -19.17
CA GLN B 6 22.29 15.33 -19.05
C GLN B 6 21.65 14.85 -20.35
N GLN B 7 22.09 15.42 -21.48
CA GLN B 7 21.60 15.02 -22.79
C GLN B 7 21.90 13.56 -23.06
N LYS B 8 23.13 13.13 -22.78
CA LYS B 8 23.56 11.75 -23.01
C LYS B 8 22.79 10.75 -22.14
N LEU B 9 22.57 11.09 -20.87
CA LEU B 9 21.86 10.20 -19.96
C LEU B 9 20.38 10.10 -20.33
N ALA B 10 19.77 11.20 -20.71
CA ALA B 10 18.38 11.20 -21.18
C ALA B 10 18.23 10.34 -22.44
N ALA B 11 19.18 10.48 -23.36
CA ALA B 11 19.20 9.69 -24.61
C ALA B 11 19.34 8.20 -24.31
N LEU B 12 20.25 7.84 -23.39
CA LEU B 12 20.41 6.45 -22.98
C LEU B 12 19.13 5.90 -22.38
N GLU B 13 18.51 6.67 -21.47
CA GLU B 13 17.27 6.23 -20.87
C GLU B 13 16.18 5.99 -21.91
N LYS B 14 16.03 6.92 -22.85
CA LYS B 14 15.02 6.79 -23.89
C LYS B 14 15.22 5.49 -24.69
N SER B 15 16.47 5.23 -25.10
N SER B 15 16.48 5.22 -25.06
CA SER B 15 16.83 4.01 -25.82
CA SER B 15 16.84 4.03 -25.83
C SER B 15 16.48 2.77 -25.01
C SER B 15 16.64 2.73 -25.04
N SER B 16 16.78 2.81 -23.72
CA SER B 16 16.63 1.66 -22.82
C SER B 16 15.19 1.18 -22.63
N GLY B 17 14.24 2.10 -22.78
CA GLY B 17 12.83 1.83 -22.51
C GLY B 17 12.44 1.78 -21.03
N GLY B 18 13.40 2.01 -20.14
CA GLY B 18 13.13 1.93 -18.71
C GLY B 18 13.32 3.25 -17.98
N ARG B 19 13.54 3.16 -16.66
CA ARG B 19 13.73 4.31 -15.80
C ARG B 19 15.12 4.21 -15.18
N LEU B 20 15.95 5.22 -15.43
CA LEU B 20 17.35 5.25 -15.02
C LEU B 20 17.58 6.27 -13.94
N GLY B 21 18.32 5.88 -12.91
CA GLY B 21 18.72 6.78 -11.84
C GLY B 21 20.22 6.77 -11.67
N VAL B 22 20.82 7.95 -11.66
CA VAL B 22 22.28 8.07 -11.54
C VAL B 22 22.62 9.12 -10.50
N ALA B 23 23.59 8.82 -9.65
CA ALA B 23 24.20 9.83 -8.79
C ALA B 23 25.69 9.60 -8.74
N LEU B 24 26.42 10.62 -9.16
CA LEU B 24 27.87 10.68 -9.04
C LEU B 24 28.28 11.68 -7.97
N ILE B 25 29.26 11.30 -7.15
CA ILE B 25 30.00 12.28 -6.36
C ILE B 25 31.47 12.19 -6.78
N ASP B 26 32.03 13.32 -7.22
CA ASP B 26 33.45 13.38 -7.52
C ASP B 26 34.13 13.98 -6.29
N THR B 27 34.89 13.19 -5.55
CA THR B 27 35.52 13.69 -4.33
C THR B 27 36.70 14.62 -4.59
N ALA B 28 37.13 14.75 -5.84
CA ALA B 28 38.19 15.70 -6.19
C ALA B 28 37.76 17.14 -5.92
N ASP B 29 36.48 17.44 -6.14
CA ASP B 29 35.98 18.79 -6.04
C ASP B 29 34.57 18.87 -5.47
N ASN B 30 34.06 17.73 -4.99
CA ASN B 30 32.73 17.64 -4.38
C ASN B 30 31.58 17.97 -5.33
N THR B 31 31.83 17.84 -6.63
CA THR B 31 30.79 18.03 -7.63
C THR B 31 29.94 16.76 -7.79
N GLN B 32 28.76 16.92 -8.36
CA GLN B 32 27.81 15.83 -8.53
C GLN B 32 27.19 15.84 -9.91
N VAL B 33 26.80 14.66 -10.38
CA VAL B 33 25.94 14.52 -11.54
C VAL B 33 24.76 13.68 -11.08
N LEU B 34 23.56 14.18 -11.33
CA LEU B 34 22.33 13.55 -10.86
C LEU B 34 21.35 13.40 -12.00
N TYR B 35 20.74 12.23 -12.09
CA TYR B 35 19.70 11.99 -13.07
C TYR B 35 18.65 11.15 -12.35
N ARG B 36 17.45 11.71 -12.19
CA ARG B 36 16.43 11.12 -11.31
C ARG B 36 17.03 10.82 -9.93
N GLY B 37 17.90 11.72 -9.48
CA GLY B 37 18.68 11.51 -8.27
C GLY B 37 17.85 11.43 -7.00
N ASP B 38 16.65 11.98 -7.03
CA ASP B 38 15.77 12.00 -5.85
C ASP B 38 14.55 11.09 -5.98
N GLU B 39 14.51 10.28 -7.04
CA GLU B 39 13.45 9.28 -7.18
C GLU B 39 13.84 8.00 -6.46
N ARG B 40 12.85 7.33 -5.90
CA ARG B 40 13.09 6.04 -5.26
C ARG B 40 13.20 4.92 -6.30
N PHE B 41 14.12 4.00 -6.05
CA PHE B 41 14.33 2.81 -6.86
C PHE B 41 14.46 1.62 -5.94
N PRO B 42 14.01 0.44 -6.39
CA PRO B 42 14.23 -0.77 -5.58
C PRO B 42 15.72 -1.08 -5.57
N MET B 43 16.27 -1.25 -4.37
CA MET B 43 17.71 -1.48 -4.19
C MET B 43 18.17 -2.87 -4.61
N CYS B 44 17.30 -3.85 -4.42
CA CYS B 44 17.66 -5.26 -4.59
C CYS B 44 18.97 -5.53 -3.82
N SER B 45 19.88 -6.32 -4.36
CA SER B 45 21.06 -6.72 -3.60
C SER B 45 22.05 -5.60 -3.28
N THR B 46 21.86 -4.40 -3.83
CA THR B 46 22.72 -3.30 -3.39
C THR B 46 22.52 -2.99 -1.90
N SER B 47 21.38 -3.39 -1.34
CA SER B 47 21.12 -3.22 0.09
C SER B 47 22.05 -4.05 0.98
N LYS B 48 22.73 -5.04 0.39
CA LYS B 48 23.69 -5.85 1.14
C LYS B 48 24.85 -5.02 1.68
N VAL B 49 25.18 -3.91 1.00
CA VAL B 49 26.23 -3.02 1.50
C VAL B 49 25.83 -2.43 2.85
N MET B 50 24.59 -1.99 3.00
CA MET B 50 24.13 -1.41 4.26
CA MET B 50 24.12 -1.43 4.26
C MET B 50 24.10 -2.47 5.38
N ALA B 51 23.66 -3.68 5.04
CA ALA B 51 23.61 -4.75 6.04
C ALA B 51 25.02 -5.15 6.50
N ALA B 52 25.94 -5.33 5.55
CA ALA B 52 27.31 -5.69 5.92
C ALA B 52 27.95 -4.56 6.72
N ALA B 53 27.73 -3.31 6.30
CA ALA B 53 28.28 -2.16 7.03
C ALA B 53 27.74 -2.08 8.46
N ALA B 54 26.46 -2.42 8.64
CA ALA B 54 25.84 -2.38 9.97
C ALA B 54 26.48 -3.41 10.89
N VAL B 55 26.78 -4.60 10.36
CA VAL B 55 27.47 -5.62 11.14
C VAL B 55 28.91 -5.19 11.45
N LEU B 56 29.57 -4.58 10.48
CA LEU B 56 30.89 -4.00 10.73
C LEU B 56 30.86 -2.98 11.87
N LYS B 57 29.84 -2.12 11.86
CA LYS B 57 29.69 -1.13 12.93
C LYS B 57 29.52 -1.82 14.28
N GLN B 58 28.71 -2.87 14.32
CA GLN B 58 28.53 -3.62 15.56
C GLN B 58 29.85 -4.20 16.06
N SER B 59 30.69 -4.66 15.12
CA SER B 59 31.98 -5.25 15.46
C SER B 59 32.97 -4.24 16.03
N GLU B 60 32.67 -2.95 15.92
CA GLU B 60 33.52 -1.91 16.55
C GLU B 60 33.47 -1.97 18.07
N THR B 61 32.36 -2.46 18.62
CA THR B 61 32.21 -2.58 20.08
C THR B 61 32.06 -4.02 20.56
N GLN B 62 31.52 -4.90 19.72
CA GLN B 62 31.54 -6.35 19.97
C GLN B 62 32.73 -6.89 19.19
N LYS B 63 33.89 -6.87 19.83
CA LYS B 63 35.16 -6.99 19.10
CA LYS B 63 35.17 -7.01 19.12
C LYS B 63 35.42 -8.31 18.36
N GLN B 64 34.80 -9.40 18.80
N GLN B 64 34.78 -9.39 18.80
CA GLN B 64 34.98 -10.69 18.15
CA GLN B 64 34.97 -10.69 18.17
C GLN B 64 33.74 -11.13 17.37
C GLN B 64 33.77 -11.11 17.33
N LEU B 65 32.83 -10.18 17.12
CA LEU B 65 31.58 -10.48 16.42
C LEU B 65 31.77 -11.13 15.06
N LEU B 66 32.75 -10.69 14.29
CA LEU B 66 32.95 -11.24 12.94
C LEU B 66 33.37 -12.70 12.95
N ASN B 67 33.86 -13.18 14.10
CA ASN B 67 34.25 -14.58 14.29
C ASN B 67 33.10 -15.50 14.71
N GLN B 68 31.95 -14.92 15.04
CA GLN B 68 30.82 -15.69 15.57
CA GLN B 68 30.81 -15.68 15.57
C GLN B 68 30.27 -16.66 14.53
N PRO B 69 30.23 -17.97 14.87
CA PRO B 69 29.61 -18.94 13.97
C PRO B 69 28.10 -18.78 13.92
N VAL B 70 27.54 -18.94 12.73
CA VAL B 70 26.10 -18.87 12.51
C VAL B 70 25.68 -20.15 11.81
N GLU B 71 24.66 -20.80 12.34
CA GLU B 71 24.18 -22.06 11.78
C GLU B 71 23.45 -21.83 10.46
N ILE B 72 23.78 -22.66 9.48
CA ILE B 72 23.09 -22.66 8.19
C ILE B 72 22.28 -23.95 8.10
N LYS B 73 20.96 -23.82 8.04
CA LYS B 73 20.05 -24.98 7.96
CA LYS B 73 20.07 -24.98 7.96
C LYS B 73 19.54 -25.16 6.53
N PRO B 74 19.20 -26.41 6.14
CA PRO B 74 18.61 -26.59 4.81
C PRO B 74 17.41 -25.66 4.56
N ALA B 75 16.60 -25.46 5.59
CA ALA B 75 15.39 -24.61 5.47
C ALA B 75 15.71 -23.13 5.28
N ASP B 76 16.95 -22.73 5.56
CA ASP B 76 17.36 -21.33 5.41
C ASP B 76 17.61 -20.94 3.97
N LEU B 77 17.89 -21.91 3.11
CA LEU B 77 18.28 -21.59 1.74
C LEU B 77 17.15 -20.92 0.97
N VAL B 78 17.48 -19.82 0.32
CA VAL B 78 16.49 -19.12 -0.50
C VAL B 78 16.81 -19.32 -1.98
N ASN B 79 16.73 -18.28 -2.79
CA ASN B 79 16.74 -18.45 -4.24
C ASN B 79 18.09 -18.31 -4.94
N TYR B 80 19.13 -17.92 -4.21
CA TYR B 80 20.45 -17.73 -4.79
C TYR B 80 21.50 -17.84 -3.68
N ASN B 81 22.11 -19.01 -3.57
CA ASN B 81 22.92 -19.36 -2.40
C ASN B 81 24.25 -20.02 -2.78
N PRO B 82 25.05 -19.36 -3.64
CA PRO B 82 26.25 -20.00 -4.18
C PRO B 82 27.26 -20.40 -3.11
N ILE B 83 27.30 -19.66 -2.01
CA ILE B 83 28.24 -20.00 -0.93
C ILE B 83 27.53 -20.77 0.19
N ALA B 84 26.37 -20.29 0.63
CA ALA B 84 25.68 -20.90 1.77
C ALA B 84 25.32 -22.36 1.54
N GLU B 85 25.03 -22.73 0.30
CA GLU B 85 24.66 -24.13 0.01
C GLU B 85 25.79 -25.11 0.35
N LYS B 86 27.03 -24.63 0.31
CA LYS B 86 28.19 -25.47 0.63
CA LYS B 86 28.20 -25.46 0.65
C LYS B 86 28.29 -25.76 2.14
N HIS B 87 27.61 -24.93 2.95
CA HIS B 87 27.75 -24.97 4.41
C HIS B 87 26.49 -25.36 5.16
N VAL B 88 25.48 -25.83 4.45
CA VAL B 88 24.26 -26.33 5.05
CA VAL B 88 24.26 -26.30 5.10
C VAL B 88 24.60 -27.42 6.09
N ASN B 89 23.87 -27.41 7.20
CA ASN B 89 24.12 -28.34 8.31
C ASN B 89 25.46 -28.11 9.00
N GLY B 90 26.02 -26.92 8.74
CA GLY B 90 27.24 -26.47 9.39
C GLY B 90 27.10 -24.99 9.74
N THR B 91 28.24 -24.33 9.87
CA THR B 91 28.24 -22.93 10.24
C THR B 91 29.10 -22.09 9.30
N MET B 92 28.81 -20.80 9.29
CA MET B 92 29.67 -19.79 8.67
C MET B 92 29.83 -18.67 9.68
N THR B 93 30.99 -18.02 9.70
CA THR B 93 31.17 -16.87 10.57
C THR B 93 30.50 -15.63 9.97
N LEU B 94 30.24 -14.62 10.79
CA LEU B 94 29.67 -13.38 10.29
C LEU B 94 30.56 -12.70 9.25
N ALA B 95 31.89 -12.83 9.39
CA ALA B 95 32.79 -12.33 8.34
C ALA B 95 32.58 -13.09 7.02
N GLU B 96 32.46 -14.41 7.11
CA GLU B 96 32.27 -15.23 5.92
C GLU B 96 30.93 -14.93 5.26
N LEU B 97 29.92 -14.68 6.08
CA LEU B 97 28.59 -14.31 5.58
C LEU B 97 28.61 -12.95 4.91
N SER B 98 29.35 -12.01 5.49
CA SER B 98 29.49 -10.68 4.91
C SER B 98 30.19 -10.75 3.55
N ALA B 99 31.28 -11.51 3.49
CA ALA B 99 31.98 -11.71 2.21
C ALA B 99 31.11 -12.40 1.17
N ALA B 100 30.38 -13.43 1.58
CA ALA B 100 29.47 -14.13 0.66
C ALA B 100 28.39 -13.21 0.13
N ALA B 101 27.76 -12.42 1.01
CA ALA B 101 26.74 -11.48 0.60
C ALA B 101 27.31 -10.45 -0.38
N LEU B 102 28.45 -9.86 -0.04
CA LEU B 102 28.99 -8.77 -0.85
C LEU B 102 29.62 -9.25 -2.15
N GLN B 103 30.44 -10.30 -2.08
CA GLN B 103 31.27 -10.67 -3.22
C GLN B 103 30.61 -11.66 -4.15
N TYR B 104 29.63 -12.40 -3.65
CA TYR B 104 28.91 -13.40 -4.46
C TYR B 104 27.42 -13.13 -4.54
N SER B 105 26.96 -12.11 -3.82
CA SER B 105 25.54 -11.75 -3.78
C SER B 105 24.66 -12.90 -3.27
N ASP B 106 25.18 -13.62 -2.27
CA ASP B 106 24.48 -14.75 -1.68
C ASP B 106 23.31 -14.26 -0.82
N ASN B 107 22.10 -14.67 -1.19
CA ASN B 107 20.88 -14.19 -0.53
C ASN B 107 20.64 -14.83 0.84
N THR B 108 21.08 -16.07 1.01
CA THR B 108 21.00 -16.70 2.32
C THR B 108 21.91 -15.95 3.30
N ALA B 109 23.10 -15.61 2.83
CA ALA B 109 24.04 -14.84 3.65
C ALA B 109 23.45 -13.49 4.07
N MET B 110 22.81 -12.81 3.14
CA MET B 110 22.11 -11.56 3.48
C MET B 110 21.07 -11.77 4.59
N ASN B 111 20.29 -12.85 4.50
CA ASN B 111 19.29 -13.10 5.54
C ASN B 111 19.91 -13.28 6.91
N LYS B 112 21.10 -13.88 6.95
CA LYS B 112 21.81 -14.03 8.23
C LYS B 112 22.28 -12.67 8.76
N LEU B 113 22.72 -11.79 7.87
CA LEU B 113 23.12 -10.44 8.29
C LEU B 113 21.92 -9.68 8.84
N ILE B 114 20.80 -9.76 8.13
CA ILE B 114 19.56 -9.11 8.57
C ILE B 114 19.15 -9.64 9.96
N ALA B 115 19.21 -10.96 10.16
CA ALA B 115 18.85 -11.56 11.45
C ALA B 115 19.76 -11.09 12.57
N GLN B 116 21.07 -11.00 12.30
CA GLN B 116 22.04 -10.48 13.26
C GLN B 116 21.65 -9.07 13.74
N LEU B 117 21.06 -8.29 12.84
CA LEU B 117 20.70 -6.90 13.15
C LEU B 117 19.29 -6.76 13.72
N GLY B 118 18.61 -7.89 13.92
CA GLY B 118 17.28 -7.91 14.52
C GLY B 118 16.14 -7.76 13.53
N GLY B 119 16.43 -7.93 12.25
CA GLY B 119 15.40 -7.80 11.22
C GLY B 119 15.69 -6.62 10.31
N PRO B 120 14.91 -6.49 9.23
CA PRO B 120 15.13 -5.40 8.26
C PRO B 120 15.19 -4.02 8.92
N GLY B 121 14.37 -3.80 9.95
CA GLY B 121 14.38 -2.54 10.70
C GLY B 121 15.72 -2.22 11.34
N GLY B 122 16.50 -3.25 11.69
CA GLY B 122 17.83 -3.04 12.24
C GLY B 122 18.81 -2.47 11.21
N VAL B 123 18.62 -2.86 9.95
CA VAL B 123 19.43 -2.29 8.86
C VAL B 123 19.04 -0.82 8.66
N THR B 124 17.75 -0.54 8.65
CA THR B 124 17.26 0.84 8.53
C THR B 124 17.75 1.70 9.70
N ALA B 125 17.74 1.14 10.90
CA ALA B 125 18.23 1.86 12.08
C ALA B 125 19.70 2.27 11.94
N PHE B 126 20.53 1.39 11.38
CA PHE B 126 21.92 1.74 11.11
C PHE B 126 22.02 2.88 10.09
N ALA B 127 21.22 2.81 9.02
CA ALA B 127 21.17 3.90 8.06
C ALA B 127 20.88 5.24 8.75
N ARG B 128 19.88 5.25 9.62
CA ARG B 128 19.53 6.48 10.34
C ARG B 128 20.67 6.93 11.24
N ALA B 129 21.35 5.98 11.87
CA ALA B 129 22.47 6.31 12.76
C ALA B 129 23.63 7.01 12.05
N ILE B 130 23.80 6.74 10.76
CA ILE B 130 24.85 7.40 9.98
C ILE B 130 24.36 8.59 9.16
N GLY B 131 23.10 8.98 9.36
CA GLY B 131 22.57 10.20 8.77
C GLY B 131 21.83 10.02 7.45
N ASP B 132 21.55 8.76 7.09
CA ASP B 132 20.77 8.44 5.90
C ASP B 132 19.33 8.31 6.32
N GLU B 133 18.53 9.31 5.94
CA GLU B 133 17.11 9.38 6.30
CA GLU B 133 17.11 9.37 6.31
C GLU B 133 16.19 8.84 5.21
N THR B 134 16.78 8.35 4.12
CA THR B 134 16.05 7.97 2.92
C THR B 134 15.95 6.44 2.76
N PHE B 135 17.06 5.75 2.96
CA PHE B 135 17.13 4.28 2.89
C PHE B 135 16.05 3.63 3.74
N ARG B 136 15.40 2.60 3.20
CA ARG B 136 14.55 1.74 4.03
C ARG B 136 14.68 0.30 3.58
N LEU B 137 14.92 -0.59 4.53
CA LEU B 137 14.79 -2.02 4.28
C LEU B 137 13.60 -2.53 5.06
N ASP B 138 12.72 -3.23 4.35
CA ASP B 138 11.43 -3.66 4.89
C ASP B 138 11.27 -5.16 4.93
N ARG B 139 11.92 -5.87 4.01
CA ARG B 139 11.75 -7.31 3.84
C ARG B 139 13.08 -8.04 3.79
N THR B 140 13.02 -9.36 3.96
CA THR B 140 14.16 -10.23 3.80
C THR B 140 14.27 -10.68 2.34
N GLU B 141 15.30 -11.48 2.05
CA GLU B 141 15.41 -12.18 0.78
C GLU B 141 14.46 -13.38 0.78
N PRO B 142 13.81 -13.66 -0.36
CA PRO B 142 13.91 -12.98 -1.66
C PRO B 142 12.90 -11.88 -1.94
N THR B 143 11.94 -11.65 -1.03
CA THR B 143 10.85 -10.74 -1.37
C THR B 143 11.26 -9.28 -1.50
N LEU B 144 12.42 -8.90 -0.94
CA LEU B 144 12.87 -7.52 -1.09
C LEU B 144 13.15 -7.15 -2.54
N ASN B 145 13.16 -8.14 -3.44
CA ASN B 145 13.43 -7.92 -4.87
C ASN B 145 12.21 -7.82 -5.78
N THR B 146 11.00 -7.71 -5.22
CA THR B 146 9.79 -7.66 -6.05
C THR B 146 9.76 -6.46 -6.98
N ALA B 147 10.36 -5.35 -6.55
CA ALA B 147 10.55 -4.16 -7.40
C ALA B 147 9.28 -3.65 -8.07
N ILE B 148 8.17 -3.67 -7.33
CA ILE B 148 6.88 -3.25 -7.85
C ILE B 148 6.85 -1.73 -8.03
N PRO B 149 6.46 -1.27 -9.23
CA PRO B 149 6.41 0.18 -9.47
C PRO B 149 5.52 0.88 -8.43
N GLY B 150 6.04 1.96 -7.83
CA GLY B 150 5.31 2.73 -6.83
C GLY B 150 5.45 2.26 -5.39
N ASP B 151 6.00 1.07 -5.21
CA ASP B 151 6.16 0.48 -3.88
C ASP B 151 7.41 1.08 -3.23
N PRO B 152 7.25 1.76 -2.09
CA PRO B 152 8.41 2.35 -1.42
C PRO B 152 9.26 1.35 -0.63
N ARG B 153 8.78 0.13 -0.44
CA ARG B 153 9.53 -0.83 0.36
C ARG B 153 10.87 -1.16 -0.27
N ASP B 154 11.91 -1.23 0.55
CA ASP B 154 13.23 -1.68 0.09
C ASP B 154 13.78 -0.79 -1.03
N THR B 155 13.59 0.51 -0.86
CA THR B 155 14.05 1.51 -1.82
C THR B 155 14.97 2.54 -1.17
N THR B 156 15.70 3.23 -2.03
CA THR B 156 16.37 4.47 -1.67
C THR B 156 16.47 5.33 -2.93
N THR B 157 17.06 6.52 -2.80
CA THR B 157 17.30 7.37 -3.95
C THR B 157 18.78 7.29 -4.35
N PRO B 158 19.09 7.50 -5.64
CA PRO B 158 20.50 7.53 -6.02
C PRO B 158 21.32 8.55 -5.21
N ARG B 159 20.78 9.74 -4.99
CA ARG B 159 21.50 10.76 -4.22
C ARG B 159 21.84 10.27 -2.82
N ALA B 160 20.85 9.70 -2.12
CA ALA B 160 21.06 9.24 -0.75
C ALA B 160 22.06 8.09 -0.70
N MET B 161 21.96 7.16 -1.64
CA MET B 161 22.85 6.01 -1.63
CA MET B 161 22.86 6.00 -1.64
C MET B 161 24.30 6.39 -1.96
N ALA B 162 24.49 7.33 -2.88
CA ALA B 162 25.85 7.77 -3.21
C ALA B 162 26.47 8.46 -1.99
N GLN B 163 25.71 9.31 -1.31
CA GLN B 163 26.20 9.98 -0.11
C GLN B 163 26.57 8.97 0.97
N THR B 164 25.69 8.01 1.21
CA THR B 164 25.98 6.95 2.18
C THR B 164 27.20 6.12 1.79
N LEU B 165 27.29 5.72 0.52
CA LEU B 165 28.44 4.93 0.10
C LEU B 165 29.75 5.71 0.28
N ARG B 166 29.72 7.01 0.01
CA ARG B 166 30.88 7.84 0.29
C ARG B 166 31.26 7.80 1.77
N GLN B 167 30.29 8.01 2.65
CA GLN B 167 30.56 8.00 4.09
C GLN B 167 31.12 6.66 4.54
N LEU B 168 30.60 5.57 3.97
CA LEU B 168 31.00 4.22 4.37
C LEU B 168 32.39 3.82 3.90
N THR B 169 32.74 4.21 2.67
CA THR B 169 33.96 3.71 2.05
C THR B 169 35.12 4.70 2.09
N LEU B 170 34.80 5.99 2.15
CA LEU B 170 35.82 7.05 2.07
C LEU B 170 35.79 7.97 3.29
N GLY B 171 34.67 7.97 4.00
CA GLY B 171 34.48 8.84 5.16
C GLY B 171 34.59 8.08 6.47
N HIS B 172 33.79 8.49 7.45
CA HIS B 172 33.97 8.07 8.84
C HIS B 172 32.70 7.52 9.47
N ALA B 173 31.83 6.94 8.65
CA ALA B 173 30.66 6.24 9.19
C ALA B 173 31.11 5.00 9.96
N LEU B 174 32.24 4.43 9.53
CA LEU B 174 32.84 3.26 10.16
C LEU B 174 34.21 3.60 10.71
N GLY B 175 34.67 2.81 11.68
CA GLY B 175 36.05 2.92 12.16
C GLY B 175 37.00 2.54 11.05
N GLU B 176 38.26 2.96 11.16
CA GLU B 176 39.21 2.77 10.07
C GLU B 176 39.37 1.31 9.63
N THR B 177 39.51 0.38 10.58
CA THR B 177 39.68 -1.04 10.23
C THR B 177 38.46 -1.54 9.46
N GLN B 178 37.28 -1.10 9.90
CA GLN B 178 36.02 -1.54 9.34
C GLN B 178 35.77 -0.94 7.95
N ARG B 179 36.11 0.34 7.78
CA ARG B 179 36.07 0.98 6.47
C ARG B 179 36.98 0.22 5.49
N ALA B 180 38.20 -0.06 5.92
CA ALA B 180 39.16 -0.79 5.08
C ALA B 180 38.63 -2.18 4.72
N GLN B 181 38.02 -2.86 5.69
CA GLN B 181 37.44 -4.17 5.42
C GLN B 181 36.30 -4.11 4.40
N LEU B 182 35.45 -3.10 4.51
CA LEU B 182 34.35 -2.94 3.56
C LEU B 182 34.91 -2.72 2.16
N VAL B 183 35.92 -1.85 2.06
CA VAL B 183 36.53 -1.54 0.76
C VAL B 183 37.20 -2.80 0.19
N THR B 184 37.93 -3.55 1.02
CA THR B 184 38.53 -4.81 0.59
C THR B 184 37.47 -5.75 0.01
N TRP B 185 36.35 -5.88 0.72
CA TRP B 185 35.29 -6.76 0.23
C TRP B 185 34.74 -6.30 -1.12
N LEU B 186 34.44 -5.01 -1.23
CA LEU B 186 33.89 -4.48 -2.48
C LEU B 186 34.83 -4.62 -3.65
N LYS B 187 36.12 -4.40 -3.41
CA LYS B 187 37.14 -4.52 -4.45
C LYS B 187 37.34 -5.97 -4.87
N GLY B 188 36.93 -6.91 -4.03
CA GLY B 188 36.97 -8.33 -4.36
C GLY B 188 35.67 -8.87 -4.93
N ASN B 189 34.72 -7.99 -5.29
CA ASN B 189 33.47 -8.45 -5.85
C ASN B 189 33.69 -9.32 -7.09
N THR B 190 32.89 -10.38 -7.23
CA THR B 190 32.96 -11.24 -8.40
C THR B 190 31.90 -10.92 -9.45
N THR B 191 30.91 -10.10 -9.11
CA THR B 191 29.71 -10.00 -9.96
C THR B 191 29.65 -8.75 -10.86
N GLY B 192 30.69 -7.91 -10.83
CA GLY B 192 30.57 -6.56 -11.36
C GLY B 192 31.14 -6.20 -12.72
N ALA B 193 31.81 -7.14 -13.40
CA ALA B 193 32.55 -6.78 -14.62
C ALA B 193 31.71 -6.32 -15.78
N ALA B 194 30.40 -6.61 -15.77
CA ALA B 194 29.50 -6.22 -16.85
C ALA B 194 28.72 -4.94 -16.57
N SER B 195 28.86 -4.39 -15.38
CA SER B 195 28.00 -3.29 -14.94
C SER B 195 28.76 -1.95 -14.99
N ILE B 196 28.75 -1.14 -13.93
CA ILE B 196 29.45 0.14 -13.95
C ILE B 196 30.88 -0.01 -14.48
N ARG B 197 31.58 -1.02 -13.97
CA ARG B 197 33.00 -1.13 -14.27
C ARG B 197 33.31 -1.42 -15.74
N ALA B 198 32.36 -2.01 -16.46
CA ALA B 198 32.51 -2.22 -17.91
C ALA B 198 32.59 -0.89 -18.69
N GLY B 199 32.08 0.19 -18.10
CA GLY B 199 32.12 1.48 -18.77
C GLY B 199 33.30 2.36 -18.39
N LEU B 200 34.21 1.85 -17.57
CA LEU B 200 35.32 2.64 -17.08
C LEU B 200 36.62 2.27 -17.78
N PRO B 201 37.57 3.24 -17.89
CA PRO B 201 38.90 2.88 -18.38
C PRO B 201 39.48 1.73 -17.57
N THR B 202 40.11 0.78 -18.26
CA THR B 202 40.60 -0.46 -17.64
CA THR B 202 40.60 -0.46 -17.64
C THR B 202 41.70 -0.22 -16.60
N SER B 203 42.42 0.90 -16.74
CA SER B 203 43.51 1.25 -15.82
C SER B 203 43.02 1.65 -14.43
N TRP B 204 41.75 2.06 -14.33
CA TRP B 204 41.15 2.48 -13.07
C TRP B 204 40.90 1.26 -12.19
N THR B 205 40.78 1.48 -10.89
CA THR B 205 40.37 0.40 -9.99
C THR B 205 39.05 0.77 -9.33
N ALA B 206 38.33 -0.24 -8.87
CA ALA B 206 37.01 -0.01 -8.31
C ALA B 206 36.56 -1.17 -7.44
N GLY B 207 35.63 -0.87 -6.55
CA GLY B 207 34.85 -1.88 -5.86
C GLY B 207 33.38 -1.60 -6.14
N ASP B 208 32.54 -2.62 -6.14
CA ASP B 208 31.13 -2.38 -6.43
C ASP B 208 30.26 -3.48 -5.83
N LYS B 209 28.96 -3.17 -5.76
CA LYS B 209 27.94 -4.15 -5.41
C LYS B 209 26.80 -4.05 -6.39
N THR B 210 26.52 -5.15 -7.09
CA THR B 210 25.42 -5.21 -8.04
C THR B 210 24.10 -5.58 -7.35
N GLY B 211 23.00 -5.44 -8.09
CA GLY B 211 21.71 -5.96 -7.65
C GLY B 211 20.83 -6.21 -8.86
N SER B 212 19.91 -7.14 -8.72
CA SER B 212 18.90 -7.35 -9.74
C SER B 212 17.63 -7.88 -9.11
N GLY B 213 16.52 -7.73 -9.82
CA GLY B 213 15.24 -8.18 -9.32
C GLY B 213 14.20 -8.20 -10.41
N ASP B 214 12.94 -8.32 -10.01
CA ASP B 214 11.84 -8.30 -10.96
C ASP B 214 11.75 -6.95 -11.65
N TYR B 215 10.90 -6.85 -12.66
CA TYR B 215 10.80 -5.66 -13.50
C TYR B 215 12.14 -5.32 -14.16
N GLY B 216 12.93 -6.36 -14.41
CA GLY B 216 14.23 -6.20 -15.05
C GLY B 216 15.13 -5.24 -14.31
N THR B 217 14.99 -5.17 -12.99
CA THR B 217 15.74 -4.22 -12.19
C THR B 217 17.19 -4.62 -12.21
N THR B 218 18.05 -3.67 -12.56
CA THR B 218 19.47 -3.93 -12.73
C THR B 218 20.20 -2.76 -12.11
N ASN B 219 20.97 -3.02 -11.06
CA ASN B 219 21.58 -1.96 -10.24
C ASN B 219 23.07 -2.19 -10.01
N ASP B 220 23.77 -1.12 -9.68
CA ASP B 220 25.17 -1.22 -9.29
C ASP B 220 25.53 0.03 -8.51
N ILE B 221 26.29 -0.15 -7.44
CA ILE B 221 26.86 0.98 -6.70
C ILE B 221 28.36 0.76 -6.56
N ALA B 222 29.14 1.80 -6.81
CA ALA B 222 30.59 1.65 -6.94
C ALA B 222 31.36 2.78 -6.29
N VAL B 223 32.53 2.42 -5.75
CA VAL B 223 33.55 3.38 -5.40
C VAL B 223 34.73 3.16 -6.35
N ILE B 224 35.20 4.25 -6.95
CA ILE B 224 36.10 4.18 -8.11
C ILE B 224 37.33 5.04 -7.87
N TRP B 225 38.51 4.47 -8.14
CA TRP B 225 39.76 5.21 -8.07
C TRP B 225 40.31 5.39 -9.49
N PRO B 226 40.02 6.54 -10.11
CA PRO B 226 40.62 6.79 -11.42
C PRO B 226 42.12 6.95 -11.26
N GLN B 227 42.89 6.57 -12.26
CA GLN B 227 44.34 6.63 -12.15
C GLN B 227 44.79 8.07 -11.90
N GLY B 228 45.51 8.27 -10.79
CA GLY B 228 46.10 9.56 -10.48
C GLY B 228 45.19 10.70 -10.04
N ARG B 229 43.97 10.38 -9.67
CA ARG B 229 43.06 11.41 -9.15
C ARG B 229 42.17 10.87 -8.03
N ALA B 230 41.45 11.79 -7.39
CA ALA B 230 40.61 11.46 -6.23
C ALA B 230 39.45 10.53 -6.61
N PRO B 231 39.02 9.68 -5.66
CA PRO B 231 37.95 8.72 -5.97
C PRO B 231 36.58 9.32 -6.30
N LEU B 232 35.80 8.51 -7.02
CA LEU B 232 34.41 8.80 -7.35
C LEU B 232 33.53 7.81 -6.63
N VAL B 233 32.29 8.24 -6.35
CA VAL B 233 31.25 7.33 -5.91
C VAL B 233 30.16 7.43 -6.96
N LEU B 234 29.71 6.27 -7.47
CA LEU B 234 28.72 6.25 -8.53
C LEU B 234 27.64 5.22 -8.24
N VAL B 235 26.38 5.67 -8.31
CA VAL B 235 25.21 4.79 -8.18
C VAL B 235 24.46 4.81 -9.50
N THR B 236 24.14 3.63 -10.04
CA THR B 236 23.33 3.50 -11.24
C THR B 236 22.22 2.51 -10.95
N TYR B 237 20.99 2.99 -10.93
CA TYR B 237 19.81 2.17 -10.70
C TYR B 237 18.97 2.13 -11.98
N PHE B 238 18.38 0.98 -12.30
CA PHE B 238 17.61 0.84 -13.53
C PHE B 238 16.48 -0.13 -13.33
N THR B 239 15.28 0.26 -13.75
CA THR B 239 14.12 -0.63 -13.66
C THR B 239 13.19 -0.43 -14.86
N GLN B 240 12.40 -1.46 -15.17
CA GLN B 240 11.69 -1.50 -16.45
C GLN B 240 10.18 -1.71 -16.27
N PRO B 241 9.39 -1.41 -17.33
CA PRO B 241 7.92 -1.51 -17.20
C PRO B 241 7.34 -2.92 -17.04
N GLN B 242 8.00 -3.94 -17.59
CA GLN B 242 7.44 -5.29 -17.59
C GLN B 242 8.03 -6.14 -16.46
N GLN B 243 7.16 -6.83 -15.73
CA GLN B 243 7.57 -7.64 -14.57
C GLN B 243 8.66 -8.65 -14.91
N ASN B 244 8.56 -9.23 -16.11
CA ASN B 244 9.47 -10.28 -16.56
C ASN B 244 10.61 -9.80 -17.45
N ALA B 245 10.88 -8.50 -17.43
CA ALA B 245 11.92 -7.90 -18.28
C ALA B 245 13.32 -8.50 -18.03
N GLU B 246 14.13 -8.51 -19.08
CA GLU B 246 15.51 -8.99 -19.05
C GLU B 246 16.41 -8.04 -18.25
N SER B 247 17.48 -8.55 -17.65
CA SER B 247 18.49 -7.68 -17.04
C SER B 247 19.20 -6.86 -18.11
N ARG B 248 19.59 -5.64 -17.75
CA ARG B 248 20.27 -4.74 -18.67
C ARG B 248 21.52 -4.15 -18.05
N ARG B 249 22.50 -5.00 -17.74
CA ARG B 249 23.76 -4.52 -17.16
C ARG B 249 24.47 -3.54 -18.11
N ASP B 250 24.25 -3.72 -19.42
CA ASP B 250 24.82 -2.83 -20.45
C ASP B 250 24.38 -1.38 -20.28
N VAL B 251 23.18 -1.16 -19.75
CA VAL B 251 22.68 0.20 -19.51
C VAL B 251 23.50 0.88 -18.41
N LEU B 252 23.86 0.10 -17.40
CA LEU B 252 24.69 0.61 -16.31
C LEU B 252 26.09 0.93 -16.81
N ALA B 253 26.65 0.03 -17.63
CA ALA B 253 27.95 0.27 -18.25
C ALA B 253 27.93 1.54 -19.11
N SER B 254 26.86 1.73 -19.88
CA SER B 254 26.74 2.91 -20.74
C SER B 254 26.63 4.20 -19.92
N ALA B 255 25.91 4.15 -18.81
CA ALA B 255 25.79 5.31 -17.93
C ALA B 255 27.15 5.67 -17.33
N ALA B 256 27.88 4.65 -16.90
CA ALA B 256 29.22 4.87 -16.35
C ALA B 256 30.18 5.43 -17.40
N ARG B 257 30.06 4.96 -18.64
CA ARG B 257 30.88 5.45 -19.75
C ARG B 257 30.63 6.94 -20.02
N ILE B 258 29.36 7.33 -20.00
CA ILE B 258 28.97 8.75 -20.12
C ILE B 258 29.59 9.60 -19.02
N ILE B 259 29.52 9.12 -17.78
CA ILE B 259 30.11 9.77 -16.62
C ILE B 259 31.63 9.92 -16.75
N ALA B 260 32.30 8.82 -17.14
CA ALA B 260 33.75 8.81 -17.26
C ALA B 260 34.24 9.75 -18.37
N GLU B 261 33.48 9.85 -19.45
CA GLU B 261 33.82 10.72 -20.59
C GLU B 261 33.67 12.21 -20.25
N GLY B 262 32.77 12.52 -19.31
CA GLY B 262 32.54 13.89 -18.89
C GLY B 262 33.40 14.30 -17.69
N LEU B 263 34.36 13.45 -17.37
CA LEU B 263 35.23 13.66 -16.20
C LEU B 263 36.62 14.12 -16.64
O18 3G3 C . -32.22 -4.97 11.45
C12 3G3 C . -31.78 -4.53 12.58
C11 3G3 C . -31.66 -5.35 13.69
C13 3G3 C . -31.92 -6.70 13.93
C14 3G3 C . -31.68 -7.20 15.21
C15 3G3 C . -31.17 -6.37 16.23
C16 3G3 C . -30.90 -5.03 15.98
C10 3G3 C . -31.15 -4.55 14.70
N8 3G3 C . -31.40 -3.25 12.76
C9 3G3 C . -31.02 -3.23 14.04
O17 3G3 C . -30.58 -2.18 14.63
C7 3G3 C . -31.40 -2.14 11.80
C6 3G3 C . -30.34 -2.41 10.75
C5 3G3 C . -29.02 -1.81 11.17
N4 3G3 C . -28.62 -0.58 10.84
N3 3G3 C . -27.37 -0.35 11.42
N2 3G3 C . -27.00 -1.50 12.11
N1 3G3 C . -28.08 -2.39 11.95
S DMS D . -17.78 13.74 12.73
O DMS D . -18.95 12.41 12.89
C1 DMS D . -17.70 14.65 14.29
C2 DMS D . -16.10 13.04 12.72
S DMS E . -28.87 0.46 15.11
O DMS E . -27.78 1.86 15.34
C1 DMS E . -29.91 0.31 16.59
C2 DMS E . -30.11 0.94 13.87
O18 3G3 F . 21.32 -13.70 -9.94
C12 3G3 F . 20.28 -13.67 -9.18
C11 3G3 F . 19.04 -14.13 -9.61
C13 3G3 F . 18.59 -14.68 -10.81
C14 3G3 F . 17.24 -15.04 -10.88
C15 3G3 F . 16.37 -14.84 -9.80
C16 3G3 F . 16.84 -14.28 -8.60
C10 3G3 F . 18.19 -13.94 -8.54
N8 3G3 F . 20.32 -13.19 -7.92
C9 3G3 F . 19.05 -13.34 -7.51
O17 3G3 F . 18.61 -13.01 -6.34
C7 3G3 F . 21.48 -12.64 -7.21
C6 3G3 F . 21.23 -11.19 -6.79
C5 3G3 F . 22.02 -10.26 -7.67
N4 3G3 F . 21.67 -9.86 -8.91
N3 3G3 F . 22.66 -9.00 -9.41
N2 3G3 F . 23.63 -8.89 -8.40
N1 3G3 F . 23.20 -9.69 -7.35
O18 3G3 G . 30.36 13.03 3.31
C12 3G3 G . 31.36 13.79 3.05
C11 3G3 G . 31.19 15.06 2.52
C13 3G3 G . 30.07 15.81 2.16
C14 3G3 G . 30.29 17.07 1.64
C15 3G3 G . 31.59 17.59 1.49
C16 3G3 G . 32.71 16.84 1.85
C10 3G3 G . 32.47 15.57 2.37
N8 3G3 G . 32.63 13.41 3.27
C9 3G3 G . 33.34 14.48 2.87
O17 3G3 G . 34.62 14.55 2.90
C7 3G3 G . 33.13 12.15 3.83
C6 3G3 G . 33.57 12.41 5.26
C5 3G3 G . 32.51 13.14 6.05
N4 3G3 G . 32.28 14.48 6.02
N3 3G3 G . 31.21 14.77 6.88
N2 3G3 G . 30.79 13.55 7.43
N1 3G3 G . 31.61 12.57 6.89
P PO4 H . 23.05 -9.75 -8.39
O1 PO4 H . 24.34 -10.55 -8.31
O2 PO4 H . 22.08 -10.50 -9.28
O3 PO4 H . 22.48 -9.62 -6.99
O4 PO4 H . 23.33 -8.41 -8.98
S DMS I . 28.38 16.88 -2.56
O DMS I . 28.07 15.13 -2.75
C1 DMS I . 27.23 17.52 -1.31
C2 DMS I . 29.95 17.09 -1.71
S DMS J . 23.54 16.54 -1.23
O DMS J . 23.17 16.06 -2.90
C1 DMS J . 22.20 17.60 -0.64
C2 DMS J . 23.26 15.12 -0.14
S DMS K . 38.30 -1.76 -12.97
O DMS K . 36.87 -2.76 -12.77
C1 DMS K . 39.40 -2.63 -14.12
C2 DMS K . 37.83 -0.37 -14.03
S DMS L . 29.57 9.89 10.03
O DMS L . 29.52 9.20 8.38
C1 DMS L . 29.10 11.64 9.95
C2 DMS L . 28.14 9.22 10.91
#